data_7ZZH
#
_entry.id   7ZZH
#
_cell.length_a   62.908
_cell.length_b   74.777
_cell.length_c   118.835
_cell.angle_alpha   90.000
_cell.angle_beta   90.000
_cell.angle_gamma   90.000
#
_symmetry.space_group_name_H-M   'I 2 2 2'
#
loop_
_entity.id
_entity.type
_entity.pdbx_description
1 polymer 'NAD kinase 1'
2 non-polymer 'CITRIC ACID'
3 non-polymer (1~{R},22~{R},23~{S},24~{R})-14-[[(2~{R},3~{S},4~{R},5~{R})-5-(6-aminopurin-9-yl)-3,4-bis(oxidanyl)oxolan-2-yl]methyl]-7-azanyl-23,24-bis(oxidanyl)-25-oxa-2,4,6,9,14,17,20-heptazatetracyclo[20.2.1.0^{2,10}.0^{3,8}]pentacosa-3(8),4,6,9-tetraen-11-yne-16,19-dione
4 water water
#
_entity_poly.entity_id   1
_entity_poly.type   'polypeptide(L)'
_entity_poly.pdbx_seq_one_letter_code
;MKYMITSKGDEKSDLLRLNMIAGFGEYDMEYDDVEPEIVISIGGDGTFLSAFHQYEERLDEIAFIGIHTGHLGFYADWRP
AEADKLVKLLAKGEYQKVSYPLLKTTVKYGIGKKEATYLALNESTVKSSGGPFVVDVVINDIHFERFRGDGLCMSTPSGT
TAYNKSLGGALMHPSIEAMQLTEMASINNRVYRTIGSPLVFPKHHVVSLQPVNDKDFQISVDHLSILHRDVQEIRYEVSA
KKIHFARFRSFPFWRRVHDSFIEDLEHHHHHH
;
_entity_poly.pdbx_strand_id   A
#
loop_
_chem_comp.id
_chem_comp.type
_chem_comp.name
_chem_comp.formula
CIT non-polymer 'CITRIC ACID' 'C6 H8 O7'
KIO non-polymer (1~{R},22~{R},23~{S},24~{R})-14-[[(2~{R},3~{S},4~{R},5~{R})-5-(6-aminopurin-9-yl)-3,4-bis(oxidanyl)oxolan-2-yl]methyl]-7-azanyl-23,24-bis(oxidanyl)-25-oxa-2,4,6,9,14,17,20-heptazatetracyclo[20.2.1.0^{2,10}.0^{3,8}]pentacosa-3(8),4,6,9-tetraen-11-yne-16,19-dione 'C27 H31 N13 O8'
#
# COMPACT_ATOMS: atom_id res chain seq x y z
N MET A 1 9.29 -13.20 21.34
CA MET A 1 7.95 -13.52 20.85
C MET A 1 8.02 -14.39 19.60
N LYS A 2 6.86 -14.65 19.00
CA LYS A 2 6.79 -15.32 17.71
C LYS A 2 7.17 -14.34 16.61
N TYR A 3 7.89 -14.85 15.59
CA TYR A 3 8.38 -14.01 14.50
C TYR A 3 8.48 -14.86 13.24
N MET A 4 8.43 -14.20 12.09
CA MET A 4 8.78 -14.87 10.84
C MET A 4 9.60 -13.92 9.98
N ILE A 5 10.32 -14.48 9.02
CA ILE A 5 11.15 -13.73 8.10
C ILE A 5 10.82 -14.18 6.68
N THR A 6 10.38 -13.25 5.84
CA THR A 6 10.17 -13.52 4.43
C THR A 6 11.38 -13.01 3.65
N SER A 7 11.67 -13.64 2.53
CA SER A 7 12.87 -13.32 1.77
C SER A 7 12.53 -13.11 0.29
N LYS A 8 13.24 -12.17 -0.33
CA LYS A 8 13.13 -11.98 -1.78
C LYS A 8 13.48 -13.27 -2.55
N GLY A 9 14.28 -14.15 -1.97
CA GLY A 9 14.58 -15.40 -2.65
C GLY A 9 15.91 -15.46 -3.37
N ASP A 10 16.65 -14.35 -3.43
CA ASP A 10 17.97 -14.39 -3.99
C ASP A 10 18.99 -14.82 -2.93
N GLU A 11 20.20 -15.12 -3.40
CA GLU A 11 21.21 -15.66 -2.51
C GLU A 11 21.49 -14.71 -1.35
N LYS A 12 21.57 -13.41 -1.64
CA LYS A 12 21.88 -12.42 -0.60
C LYS A 12 20.81 -12.40 0.49
N SER A 13 19.53 -12.36 0.11
CA SER A 13 18.48 -12.24 1.11
C SER A 13 18.26 -13.55 1.86
N ASP A 14 18.41 -14.69 1.18
CA ASP A 14 18.24 -15.97 1.86
C ASP A 14 19.29 -16.15 2.95
N LEU A 15 20.53 -15.80 2.65
CA LEU A 15 21.59 -16.00 3.62
C LEU A 15 21.42 -15.05 4.80
N LEU A 16 21.04 -13.80 4.54
CA LEU A 16 20.75 -12.89 5.65
C LEU A 16 19.62 -13.41 6.51
N ARG A 17 18.61 -14.02 5.90
CA ARG A 17 17.50 -14.56 6.67
C ARG A 17 17.97 -15.72 7.55
N LEU A 18 18.78 -16.63 7.00
CA LEU A 18 19.29 -17.74 7.81
C LEU A 18 20.20 -17.26 8.94
N ASN A 19 21.00 -16.22 8.70
CA ASN A 19 21.84 -15.68 9.77
C ASN A 19 21.00 -14.99 10.85
N MET A 20 19.88 -14.35 10.49
CA MET A 20 19.03 -13.73 11.51
C MET A 20 18.30 -14.79 12.33
N ILE A 21 17.79 -15.84 11.67
CA ILE A 21 17.18 -16.94 12.40
C ILE A 21 18.16 -17.53 13.42
N ALA A 22 19.42 -17.74 13.01
CA ALA A 22 20.39 -18.23 13.97
C ALA A 22 20.56 -17.26 15.13
N GLY A 23 20.54 -15.96 14.85
CA GLY A 23 20.71 -14.98 15.91
C GLY A 23 19.53 -14.94 16.87
N PHE A 24 18.32 -15.15 16.33
CA PHE A 24 17.14 -15.23 17.18
C PHE A 24 17.15 -16.48 18.05
N GLY A 25 17.77 -17.57 17.58
CA GLY A 25 17.87 -18.75 18.41
C GLY A 25 18.61 -18.56 19.72
N GLU A 26 19.32 -17.44 19.87
CA GLU A 26 20.04 -17.13 21.11
C GLU A 26 19.17 -16.40 22.14
N TYR A 27 17.88 -16.19 21.84
CA TYR A 27 16.93 -15.47 22.68
C TYR A 27 15.63 -16.26 22.76
N ASP A 28 14.75 -15.84 23.68
CA ASP A 28 13.39 -16.37 23.75
C ASP A 28 12.57 -15.88 22.57
N MET A 29 12.93 -16.32 21.37
CA MET A 29 12.23 -15.94 20.15
C MET A 29 11.89 -17.20 19.38
N GLU A 30 10.61 -17.39 19.06
CA GLU A 30 10.12 -18.58 18.39
C GLU A 30 9.74 -18.24 16.96
N TYR A 31 10.27 -19.00 16.01
CA TYR A 31 9.90 -18.84 14.61
C TYR A 31 8.50 -19.40 14.40
N ASP A 32 7.56 -18.56 13.97
CA ASP A 32 6.19 -19.00 13.70
C ASP A 32 5.65 -18.15 12.57
N ASP A 33 5.36 -18.77 11.42
CA ASP A 33 4.84 -18.02 10.29
C ASP A 33 3.33 -18.13 10.17
N VAL A 34 2.66 -18.67 11.18
CA VAL A 34 1.21 -18.73 11.22
C VAL A 34 0.64 -17.60 12.06
N GLU A 35 1.13 -17.44 13.29
CA GLU A 35 0.71 -16.34 14.17
C GLU A 35 1.92 -15.57 14.69
N PRO A 36 2.71 -14.96 13.81
CA PRO A 36 3.81 -14.12 14.28
C PRO A 36 3.31 -12.80 14.84
N GLU A 37 4.11 -12.24 15.74
CA GLU A 37 3.93 -10.88 16.20
C GLU A 37 4.92 -9.92 15.57
N ILE A 38 5.99 -10.44 14.98
CA ILE A 38 6.99 -9.65 14.28
C ILE A 38 7.16 -10.26 12.90
N VAL A 39 7.07 -9.42 11.87
CA VAL A 39 7.25 -9.85 10.49
C VAL A 39 8.39 -9.03 9.91
N ILE A 40 9.50 -9.70 9.59
CA ILE A 40 10.67 -9.10 8.97
C ILE A 40 10.67 -9.45 7.49
N SER A 41 10.87 -8.44 6.66
CA SER A 41 10.90 -8.61 5.22
C SER A 41 12.30 -8.27 4.73
N ILE A 42 12.93 -9.18 3.99
CA ILE A 42 14.27 -8.95 3.48
C ILE A 42 14.26 -8.92 1.97
N GLY A 43 14.48 -7.76 1.39
CA GLY A 43 14.49 -7.64 -0.04
C GLY A 43 14.34 -6.20 -0.47
N GLY A 44 13.20 -5.88 -1.08
CA GLY A 44 12.93 -4.53 -1.51
C GLY A 44 11.53 -4.18 -1.05
N ASP A 45 10.98 -3.11 -1.60
CA ASP A 45 9.62 -2.72 -1.25
C ASP A 45 8.59 -3.72 -1.80
N GLY A 46 8.91 -4.36 -2.93
CA GLY A 46 8.06 -5.42 -3.43
C GLY A 46 7.91 -6.57 -2.46
N THR A 47 9.05 -7.02 -1.88
CA THR A 47 9.03 -8.05 -0.85
C THR A 47 8.23 -7.61 0.36
N PHE A 48 8.38 -6.35 0.77
CA PHE A 48 7.62 -5.86 1.93
C PHE A 48 6.12 -5.83 1.63
N LEU A 49 5.72 -5.42 0.42
CA LEU A 49 4.30 -5.43 0.06
C LEU A 49 3.73 -6.85 0.10
N SER A 50 4.51 -7.84 -0.34
CA SER A 50 4.00 -9.22 -0.26
C SER A 50 3.83 -9.67 1.19
N ALA A 51 4.75 -9.26 2.06
CA ALA A 51 4.64 -9.63 3.47
C ALA A 51 3.39 -9.01 4.09
N PHE A 52 3.12 -7.74 3.79
CA PHE A 52 1.91 -7.10 4.30
C PHE A 52 0.64 -7.85 3.90
N HIS A 53 0.51 -8.20 2.62
CA HIS A 53 -0.69 -8.89 2.18
C HIS A 53 -0.71 -10.34 2.64
N GLN A 54 0.45 -10.91 2.94
CA GLN A 54 0.49 -12.25 3.55
C GLN A 54 -0.27 -12.28 4.87
N TYR A 55 -0.11 -11.24 5.69
CA TYR A 55 -0.61 -11.21 7.06
C TYR A 55 -1.65 -10.10 7.27
N GLU A 56 -2.40 -9.75 6.23
CA GLU A 56 -3.35 -8.65 6.35
C GLU A 56 -4.52 -8.95 7.27
N GLU A 57 -4.76 -10.21 7.62
CA GLU A 57 -5.81 -10.56 8.56
C GLU A 57 -5.39 -10.42 10.03
N ARG A 58 -4.10 -10.22 10.31
CA ARG A 58 -3.62 -10.02 11.68
C ARG A 58 -2.81 -8.74 11.79
N LEU A 59 -3.30 -7.66 11.18
CA LEU A 59 -2.56 -6.41 11.13
C LEU A 59 -2.36 -5.81 12.52
N ASP A 60 -3.38 -5.87 13.36
CA ASP A 60 -3.28 -5.22 14.65
C ASP A 60 -2.47 -6.02 15.66
N GLU A 61 -1.97 -7.20 15.28
CA GLU A 61 -1.17 -8.04 16.17
C GLU A 61 0.26 -8.17 15.68
N ILE A 62 0.66 -7.37 14.69
CA ILE A 62 1.92 -7.55 14.00
C ILE A 62 2.64 -6.20 13.90
N ALA A 63 3.93 -6.20 14.16
CA ALA A 63 4.81 -5.08 13.85
C ALA A 63 5.74 -5.50 12.73
N PHE A 64 5.75 -4.72 11.65
CA PHE A 64 6.56 -5.05 10.48
C PHE A 64 7.90 -4.32 10.51
N ILE A 65 8.92 -4.97 9.93
CA ILE A 65 10.24 -4.37 9.72
C ILE A 65 10.70 -4.72 8.32
N GLY A 66 11.28 -3.76 7.61
CA GLY A 66 11.88 -4.04 6.32
C GLY A 66 13.39 -3.89 6.29
N ILE A 67 14.10 -4.83 5.68
CA ILE A 67 15.53 -4.74 5.44
C ILE A 67 15.76 -4.74 3.93
N HIS A 68 16.52 -3.77 3.43
CA HIS A 68 16.78 -3.67 2.00
C HIS A 68 18.15 -4.26 1.69
N THR A 69 18.16 -5.33 0.91
CA THR A 69 19.42 -5.89 0.44
C THR A 69 19.87 -5.23 -0.85
N GLY A 70 18.93 -4.64 -1.59
CA GLY A 70 19.28 -3.76 -2.69
C GLY A 70 19.33 -2.31 -2.22
N HIS A 71 18.78 -1.41 -3.02
CA HIS A 71 18.80 -0.01 -2.67
C HIS A 71 17.84 0.28 -1.52
N LEU A 72 17.88 1.51 -1.02
CA LEU A 72 16.94 1.92 0.01
C LEU A 72 15.51 1.83 -0.48
N GLY A 73 14.63 1.28 0.36
CA GLY A 73 13.21 1.25 0.10
C GLY A 73 12.48 2.16 1.07
N PHE A 74 11.23 2.46 0.75
CA PHE A 74 10.46 3.28 1.67
C PHE A 74 9.92 2.46 2.81
N TYR A 75 9.70 1.18 2.61
CA TYR A 75 9.31 0.32 3.70
C TYR A 75 10.46 -0.51 4.22
N ALA A 76 11.32 -0.95 3.31
CA ALA A 76 12.52 -1.71 3.63
C ALA A 76 13.64 -0.70 3.84
N ASP A 77 13.66 -0.08 5.02
CA ASP A 77 14.54 1.05 5.29
C ASP A 77 15.61 0.75 6.35
N TRP A 78 15.98 -0.52 6.51
CA TRP A 78 17.12 -0.94 7.32
C TRP A 78 18.20 -1.56 6.43
N ARG A 79 19.48 -1.29 6.74
CA ARG A 79 20.57 -1.86 5.97
C ARG A 79 20.87 -3.28 6.44
N PRO A 80 21.36 -4.15 5.55
CA PRO A 80 21.74 -5.50 5.99
C PRO A 80 22.76 -5.50 7.11
N ALA A 81 23.68 -4.53 7.13
CA ALA A 81 24.71 -4.54 8.17
C ALA A 81 24.14 -4.30 9.55
N GLU A 82 22.94 -3.75 9.65
CA GLU A 82 22.30 -3.52 10.93
C GLU A 82 21.53 -4.73 11.44
N ALA A 83 21.71 -5.89 10.80
CA ALA A 83 20.84 -7.02 11.11
C ALA A 83 21.07 -7.51 12.53
N ASP A 84 22.34 -7.56 12.97
CA ASP A 84 22.62 -8.09 14.30
C ASP A 84 22.05 -7.18 15.38
N LYS A 85 22.18 -5.86 15.23
CA LYS A 85 21.59 -4.95 16.20
C LYS A 85 20.07 -5.03 16.17
N LEU A 86 19.50 -5.39 15.02
CA LEU A 86 18.05 -5.59 14.90
C LEU A 86 17.57 -6.75 15.76
N VAL A 87 18.28 -7.88 15.73
CA VAL A 87 17.89 -9.05 16.52
C VAL A 87 17.79 -8.69 18.00
N LYS A 88 18.86 -8.11 18.55
CA LYS A 88 18.92 -7.82 19.98
C LYS A 88 17.75 -6.95 20.42
N LEU A 89 17.58 -5.81 19.75
CA LEU A 89 16.52 -4.90 20.13
C LEU A 89 15.16 -5.54 19.95
N LEU A 90 14.98 -6.32 18.89
CA LEU A 90 13.71 -7.03 18.70
C LEU A 90 13.49 -8.07 19.78
N ALA A 91 14.56 -8.77 20.19
CA ALA A 91 14.42 -9.80 21.20
C ALA A 91 14.10 -9.20 22.56
N LYS A 92 14.83 -8.14 22.95
CA LYS A 92 14.55 -7.45 24.19
C LYS A 92 13.15 -6.86 24.19
N GLY A 93 12.71 -6.34 23.05
CA GLY A 93 11.44 -5.65 22.98
C GLY A 93 11.56 -4.21 23.44
N GLU A 94 10.54 -3.73 24.14
CA GLU A 94 10.48 -2.36 24.63
C GLU A 94 10.60 -1.33 23.50
N TYR A 95 10.43 -1.76 22.25
CA TYR A 95 10.49 -0.87 21.10
C TYR A 95 9.20 -0.07 20.97
N GLN A 96 9.28 1.00 20.19
CA GLN A 96 8.10 1.78 19.86
C GLN A 96 7.50 1.28 18.54
N LYS A 97 6.20 1.54 18.38
CA LYS A 97 5.47 1.21 17.16
C LYS A 97 5.03 2.51 16.48
N VAL A 98 5.06 2.50 15.16
CA VAL A 98 4.57 3.59 14.32
C VAL A 98 3.51 3.03 13.38
N SER A 99 2.41 3.77 13.20
CA SER A 99 1.26 3.31 12.43
C SER A 99 1.00 4.21 11.23
N TYR A 100 0.81 3.61 10.06
CA TYR A 100 0.51 4.32 8.81
C TYR A 100 -0.92 4.01 8.38
N PRO A 101 -1.66 4.98 7.81
CA PRO A 101 -3.03 4.69 7.35
C PRO A 101 -3.03 3.77 6.14
N LEU A 102 -4.17 3.12 5.92
CA LEU A 102 -4.36 2.20 4.80
C LEU A 102 -5.61 2.62 4.02
N LEU A 103 -5.77 2.06 2.82
CA LEU A 103 -6.87 2.36 1.92
C LEU A 103 -7.83 1.17 1.86
N LYS A 104 -9.12 1.41 2.06
CA LYS A 104 -10.12 0.36 1.88
C LYS A 104 -10.79 0.50 0.51
N THR A 105 -10.85 -0.62 -0.22
CA THR A 105 -11.46 -0.69 -1.54
C THR A 105 -12.57 -1.72 -1.49
N THR A 106 -13.79 -1.29 -1.83
CA THR A 106 -14.93 -2.19 -1.88
C THR A 106 -15.37 -2.31 -3.33
N VAL A 107 -15.52 -3.55 -3.80
CA VAL A 107 -15.96 -3.83 -5.15
C VAL A 107 -17.30 -4.52 -5.08
N LYS A 108 -18.33 -3.86 -5.62
CA LYS A 108 -19.67 -4.41 -5.69
C LYS A 108 -19.95 -4.91 -7.10
N TYR A 109 -20.57 -6.08 -7.20
CA TYR A 109 -20.86 -6.73 -8.47
C TYR A 109 -22.35 -6.69 -8.77
N GLY A 110 -22.67 -6.92 -10.04
CA GLY A 110 -24.03 -7.10 -10.48
C GLY A 110 -24.46 -8.56 -10.36
N ILE A 111 -24.97 -9.11 -11.47
CA ILE A 111 -25.56 -10.45 -11.50
C ILE A 111 -26.61 -10.54 -10.40
N GLY A 112 -26.14 -10.84 -9.19
CA GLY A 112 -27.00 -10.74 -8.04
C GLY A 112 -26.69 -9.50 -7.23
N LYS A 113 -25.95 -9.68 -6.13
CA LYS A 113 -25.50 -8.57 -5.30
C LYS A 113 -24.50 -9.06 -4.28
N LYS A 114 -23.21 -8.76 -4.47
CA LYS A 114 -22.17 -9.21 -3.56
C LYS A 114 -21.04 -8.21 -3.58
N GLU A 115 -20.19 -8.26 -2.54
CA GLU A 115 -19.11 -7.30 -2.38
C GLU A 115 -17.80 -8.03 -2.09
N ALA A 116 -16.71 -7.36 -2.42
CA ALA A 116 -15.38 -7.79 -2.03
C ALA A 116 -14.64 -6.57 -1.51
N THR A 117 -13.90 -6.75 -0.41
CA THR A 117 -13.10 -5.70 0.16
C THR A 117 -11.63 -6.08 0.13
N TYR A 118 -10.77 -5.08 -0.07
CA TYR A 118 -9.32 -5.24 -0.13
C TYR A 118 -8.68 -4.11 0.65
N LEU A 119 -7.46 -4.35 1.11
CA LEU A 119 -6.68 -3.35 1.82
C LEU A 119 -5.44 -3.04 1.00
N ALA A 120 -5.14 -1.76 0.81
CA ALA A 120 -3.97 -1.34 0.06
C ALA A 120 -3.01 -0.60 1.00
N LEU A 121 -1.71 -0.91 0.86
CA LEU A 121 -0.66 -0.17 1.53
C LEU A 121 -0.11 0.95 0.65
N ASN A 122 -0.05 0.72 -0.67
CA ASN A 122 0.38 1.77 -1.58
C ASN A 122 -0.81 2.45 -2.26
N GLU A 123 -1.54 1.71 -3.09
CA GLU A 123 -2.64 2.31 -3.86
C GLU A 123 -3.51 1.21 -4.43
N SER A 124 -4.70 1.63 -4.88
CA SER A 124 -5.55 0.82 -5.74
C SER A 124 -5.82 1.60 -7.01
N THR A 125 -5.78 0.93 -8.16
CA THR A 125 -6.02 1.64 -9.40
C THR A 125 -7.12 0.95 -10.19
N VAL A 126 -7.73 1.69 -11.11
CA VAL A 126 -8.78 1.17 -11.99
C VAL A 126 -8.44 1.57 -13.42
N LYS A 127 -8.43 0.58 -14.31
CA LYS A 127 -8.25 0.76 -15.75
C LYS A 127 -9.30 -0.09 -16.45
N SER A 128 -9.45 0.12 -17.77
CA SER A 128 -10.45 -0.60 -18.56
C SER A 128 -9.88 -1.90 -19.13
N SER A 129 -10.77 -2.72 -19.68
CA SER A 129 -10.40 -4.00 -20.29
C SER A 129 -9.96 -3.84 -21.73
N GLY A 130 -9.20 -2.80 -22.05
CA GLY A 130 -8.79 -2.55 -23.42
C GLY A 130 -9.58 -1.43 -24.08
N GLY A 131 -10.91 -1.51 -23.98
CA GLY A 131 -11.78 -0.48 -24.50
C GLY A 131 -11.60 0.83 -23.77
N PRO A 132 -12.40 1.84 -24.14
CA PRO A 132 -12.30 3.14 -23.47
C PRO A 132 -12.77 3.07 -22.03
N PHE A 133 -12.04 3.76 -21.15
CA PHE A 133 -12.36 3.85 -19.73
C PHE A 133 -13.21 5.09 -19.50
N VAL A 134 -14.47 4.90 -19.11
CA VAL A 134 -15.39 5.99 -18.75
C VAL A 134 -16.05 5.60 -17.44
N VAL A 135 -15.91 6.44 -16.42
CA VAL A 135 -16.56 6.17 -15.14
C VAL A 135 -17.09 7.48 -14.56
N ASP A 136 -18.21 7.38 -13.85
CA ASP A 136 -18.72 8.53 -13.11
C ASP A 136 -18.08 8.52 -11.74
N VAL A 137 -17.56 9.66 -11.33
CA VAL A 137 -16.89 9.79 -10.04
C VAL A 137 -17.86 10.49 -9.09
N VAL A 138 -18.20 9.82 -8.00
CA VAL A 138 -19.17 10.31 -7.03
C VAL A 138 -18.48 10.46 -5.69
N ILE A 139 -18.57 11.64 -5.09
CA ILE A 139 -17.91 11.95 -3.82
C ILE A 139 -18.99 12.20 -2.78
N ASN A 140 -19.09 11.31 -1.80
CA ASN A 140 -20.10 11.43 -0.74
C ASN A 140 -21.50 11.57 -1.32
N ASP A 141 -21.82 10.71 -2.29
CA ASP A 141 -23.11 10.64 -2.96
C ASP A 141 -23.39 11.83 -3.87
N ILE A 142 -22.39 12.66 -4.18
CA ILE A 142 -22.54 13.80 -5.07
C ILE A 142 -21.77 13.51 -6.36
N HIS A 143 -22.45 13.59 -7.50
CA HIS A 143 -21.75 13.37 -8.77
CA HIS A 143 -21.76 13.37 -8.77
C HIS A 143 -20.76 14.50 -8.99
N PHE A 144 -19.48 14.15 -9.03
CA PHE A 144 -18.41 15.12 -9.18
C PHE A 144 -17.93 15.30 -10.62
N GLU A 145 -17.73 14.21 -11.36
CA GLU A 145 -17.23 14.33 -12.73
C GLU A 145 -17.49 13.02 -13.46
N ARG A 146 -17.44 13.09 -14.79
CA ARG A 146 -17.42 11.91 -15.64
C ARG A 146 -16.02 11.80 -16.24
N PHE A 147 -15.25 10.82 -15.77
CA PHE A 147 -13.85 10.65 -16.15
C PHE A 147 -13.72 9.79 -17.41
N ARG A 148 -13.07 10.34 -18.44
CA ARG A 148 -12.66 9.60 -19.63
C ARG A 148 -11.14 9.68 -19.75
N GLY A 149 -10.50 8.52 -19.89
CA GLY A 149 -9.04 8.49 -19.86
C GLY A 149 -8.55 7.05 -19.72
N ASP A 150 -7.29 6.92 -19.29
CA ASP A 150 -6.72 5.58 -19.12
C ASP A 150 -7.10 4.94 -17.79
N GLY A 151 -7.18 5.71 -16.72
CA GLY A 151 -7.55 5.14 -15.45
C GLY A 151 -7.42 6.15 -14.31
N LEU A 152 -7.62 5.64 -13.10
CA LEU A 152 -7.56 6.41 -11.86
C LEU A 152 -6.76 5.65 -10.81
N CYS A 153 -6.07 6.40 -9.95
CA CYS A 153 -5.22 5.83 -8.91
C CYS A 153 -5.59 6.44 -7.56
N MET A 154 -5.96 5.61 -6.58
CA MET A 154 -6.21 6.08 -5.23
C MET A 154 -5.10 5.59 -4.31
N SER A 155 -4.33 6.53 -3.74
CA SER A 155 -3.11 6.25 -3.00
C SER A 155 -3.29 6.50 -1.51
N THR A 156 -2.61 5.70 -0.71
CA THR A 156 -2.44 6.02 0.71
C THR A 156 -1.38 7.09 0.86
N PRO A 157 -1.19 7.62 2.07
CA PRO A 157 -0.05 8.55 2.27
C PRO A 157 1.31 7.92 1.96
N SER A 158 1.65 6.77 2.56
CA SER A 158 2.93 6.16 2.22
C SER A 158 2.98 5.67 0.78
N GLY A 159 1.83 5.49 0.15
CA GLY A 159 1.86 5.22 -1.27
C GLY A 159 2.14 6.42 -2.15
N THR A 160 2.09 7.66 -1.60
CA THR A 160 2.21 8.81 -2.49
C THR A 160 3.57 8.89 -3.18
N THR A 161 4.63 8.26 -2.62
CA THR A 161 5.95 8.25 -3.26
C THR A 161 6.07 7.20 -4.36
N ALA A 162 5.04 6.40 -4.58
CA ALA A 162 5.09 5.32 -5.58
C ALA A 162 4.36 5.75 -6.85
N TYR A 163 3.36 4.96 -7.27
CA TYR A 163 2.61 5.25 -8.51
C TYR A 163 2.03 6.67 -8.52
N ASN A 164 1.42 7.09 -7.41
CA ASN A 164 0.88 8.44 -7.26
C ASN A 164 1.87 9.50 -7.73
N LYS A 165 3.14 9.35 -7.35
CA LYS A 165 4.15 10.34 -7.67
C LYS A 165 4.38 10.43 -9.17
N SER A 166 4.41 9.28 -9.85
CA SER A 166 4.59 9.26 -11.30
C SER A 166 3.42 9.89 -12.03
N LEU A 167 2.24 9.93 -11.40
CA LEU A 167 1.08 10.55 -12.03
C LEU A 167 0.93 12.03 -11.69
N GLY A 168 1.89 12.65 -11.02
CA GLY A 168 1.76 14.06 -10.71
C GLY A 168 1.24 14.35 -9.33
N GLY A 169 0.99 13.33 -8.50
CA GLY A 169 0.42 13.53 -7.19
C GLY A 169 1.38 14.16 -6.20
N ALA A 170 0.80 14.69 -5.13
CA ALA A 170 1.58 15.28 -4.05
C ALA A 170 2.14 14.18 -3.15
N LEU A 171 3.29 14.44 -2.55
CA LEU A 171 3.83 13.55 -1.52
C LEU A 171 3.26 13.98 -0.17
N MET A 172 2.61 13.06 0.54
CA MET A 172 1.98 13.39 1.82
C MET A 172 2.65 12.64 2.96
N HIS A 173 2.97 13.38 4.03
CA HIS A 173 3.49 12.75 5.22
C HIS A 173 2.52 11.71 5.77
N PRO A 174 2.99 10.53 6.15
CA PRO A 174 2.07 9.43 6.49
C PRO A 174 1.33 9.63 7.79
N SER A 175 1.60 10.69 8.55
CA SER A 175 0.80 10.95 9.73
C SER A 175 -0.56 11.56 9.40
N ILE A 176 -0.79 11.93 8.14
CA ILE A 176 -2.07 12.48 7.71
C ILE A 176 -3.00 11.33 7.30
N GLU A 177 -4.15 11.22 7.95
CA GLU A 177 -5.11 10.16 7.64
C GLU A 177 -5.93 10.59 6.43
N ALA A 178 -5.50 10.18 5.24
CA ALA A 178 -6.07 10.70 4.01
C ALA A 178 -5.79 9.73 2.88
N MET A 179 -6.48 9.96 1.75
CA MET A 179 -6.19 9.23 0.52
C MET A 179 -6.18 10.24 -0.62
N GLN A 180 -5.46 9.92 -1.69
CA GLN A 180 -5.25 10.86 -2.79
C GLN A 180 -5.59 10.19 -4.12
N LEU A 181 -6.46 10.86 -4.90
CA LEU A 181 -6.88 10.37 -6.20
C LEU A 181 -6.17 11.13 -7.31
N THR A 182 -5.56 10.39 -8.24
CA THR A 182 -4.85 10.98 -9.37
C THR A 182 -5.37 10.38 -10.66
N GLU A 183 -5.28 11.16 -11.74
CA GLU A 183 -5.76 10.79 -13.06
C GLU A 183 -4.64 10.16 -13.90
N MET A 184 -5.02 9.26 -14.79
CA MET A 184 -4.11 8.72 -15.79
C MET A 184 -4.63 9.15 -17.15
N ALA A 185 -3.97 10.13 -17.76
CA ALA A 185 -4.24 10.56 -19.13
C ALA A 185 -5.73 10.84 -19.37
N SER A 186 -6.25 11.86 -18.68
CA SER A 186 -7.65 12.23 -18.85
C SER A 186 -7.85 13.00 -20.15
N ILE A 187 -9.00 12.77 -20.77
CA ILE A 187 -9.41 13.51 -21.96
C ILE A 187 -10.10 14.79 -21.53
N ASN A 188 -9.60 15.93 -21.99
CA ASN A 188 -10.25 17.21 -21.72
C ASN A 188 -10.36 18.00 -23.01
N ASN A 189 -11.59 18.22 -23.46
CA ASN A 189 -11.85 19.06 -24.62
C ASN A 189 -13.13 19.83 -24.34
N ARG A 190 -13.79 20.29 -25.41
CA ARG A 190 -14.99 21.11 -25.24
C ARG A 190 -16.10 20.33 -24.54
N VAL A 191 -16.23 19.03 -24.84
CA VAL A 191 -17.35 18.24 -24.36
C VAL A 191 -17.01 17.33 -23.18
N TYR A 192 -15.73 16.99 -22.98
CA TYR A 192 -15.30 16.13 -21.89
C TYR A 192 -14.45 16.95 -20.93
N ARG A 193 -14.66 16.75 -19.62
CA ARG A 193 -14.07 17.63 -18.62
C ARG A 193 -13.80 16.88 -17.33
N THR A 194 -12.55 16.88 -16.88
CA THR A 194 -12.17 16.38 -15.57
C THR A 194 -11.52 17.52 -14.78
N ILE A 195 -11.34 17.29 -13.48
CA ILE A 195 -10.74 18.32 -12.63
C ILE A 195 -9.25 18.48 -12.95
N GLY A 196 -8.57 17.40 -13.32
CA GLY A 196 -7.14 17.44 -13.66
C GLY A 196 -6.25 17.29 -12.44
N SER A 197 -6.44 18.16 -11.46
CA SER A 197 -5.67 18.15 -10.25
C SER A 197 -5.85 16.87 -9.46
N PRO A 198 -4.81 16.44 -8.73
CA PRO A 198 -5.00 15.41 -7.71
C PRO A 198 -5.97 15.91 -6.64
N LEU A 199 -6.72 14.97 -6.08
CA LEU A 199 -7.64 15.27 -4.99
C LEU A 199 -7.23 14.52 -3.74
N VAL A 200 -7.18 15.22 -2.61
CA VAL A 200 -6.82 14.62 -1.32
C VAL A 200 -8.06 14.65 -0.43
N PHE A 201 -8.47 13.45 0.06
CA PHE A 201 -9.68 13.20 0.83
C PHE A 201 -9.34 12.85 2.26
N PRO A 202 -10.11 13.31 3.23
CA PRO A 202 -9.87 12.92 4.62
C PRO A 202 -10.59 11.64 4.97
N LYS A 203 -10.45 11.24 6.23
CA LYS A 203 -11.23 10.13 6.77
C LYS A 203 -12.71 10.38 6.59
N HIS A 204 -13.46 9.29 6.43
CA HIS A 204 -14.92 9.22 6.36
C HIS A 204 -15.50 9.78 5.06
N HIS A 205 -14.69 10.32 4.17
CA HIS A 205 -15.14 10.63 2.81
C HIS A 205 -15.11 9.37 1.97
N VAL A 206 -16.14 9.19 1.14
CA VAL A 206 -16.27 7.99 0.35
C VAL A 206 -16.28 8.41 -1.12
N VAL A 207 -15.36 7.85 -1.89
CA VAL A 207 -15.28 8.11 -3.31
C VAL A 207 -15.73 6.86 -4.04
N SER A 208 -16.72 7.02 -4.91
CA SER A 208 -17.34 5.91 -5.60
C SER A 208 -17.13 6.05 -7.10
N LEU A 209 -16.65 5.00 -7.75
CA LEU A 209 -16.51 4.98 -9.21
C LEU A 209 -17.61 4.08 -9.77
N GLN A 210 -18.38 4.59 -10.74
CA GLN A 210 -19.56 3.89 -11.21
C GLN A 210 -19.55 3.76 -12.73
N PRO A 211 -19.82 2.57 -13.26
CA PRO A 211 -19.66 2.34 -14.70
C PRO A 211 -20.69 3.09 -15.52
N VAL A 212 -20.30 3.42 -16.74
CA VAL A 212 -21.16 4.12 -17.67
C VAL A 212 -21.54 3.23 -18.84
N ASN A 213 -20.55 2.64 -19.49
CA ASN A 213 -20.77 1.80 -20.66
C ASN A 213 -20.46 0.35 -20.38
N ASP A 214 -19.22 0.06 -20.04
CA ASP A 214 -18.77 -1.30 -19.79
C ASP A 214 -18.67 -1.54 -18.29
N LYS A 215 -18.90 -2.79 -17.89
CA LYS A 215 -18.82 -3.20 -16.50
C LYS A 215 -17.54 -3.96 -16.18
N ASP A 216 -16.63 -4.12 -17.14
CA ASP A 216 -15.37 -4.84 -16.95
C ASP A 216 -14.23 -3.84 -16.75
N PHE A 217 -13.41 -4.08 -15.72
CA PHE A 217 -12.30 -3.20 -15.38
C PHE A 217 -11.13 -4.03 -14.89
N GLN A 218 -9.93 -3.51 -15.10
CA GLN A 218 -8.75 -4.09 -14.48
C GLN A 218 -8.54 -3.32 -13.18
N ILE A 219 -8.65 -4.01 -12.05
CA ILE A 219 -8.52 -3.38 -10.74
C ILE A 219 -7.27 -3.94 -10.08
N SER A 220 -6.35 -3.05 -9.70
CA SER A 220 -5.14 -3.43 -8.99
C SER A 220 -5.24 -3.01 -7.52
N VAL A 221 -4.60 -3.79 -6.66
CA VAL A 221 -4.41 -3.46 -5.26
C VAL A 221 -2.95 -3.78 -4.95
N ASP A 222 -2.14 -2.74 -4.76
CA ASP A 222 -0.69 -2.87 -4.62
C ASP A 222 -0.21 -3.67 -5.83
N HIS A 223 0.54 -4.76 -5.68
CA HIS A 223 1.06 -5.47 -6.83
C HIS A 223 0.06 -6.45 -7.43
N LEU A 224 -1.10 -6.63 -6.82
CA LEU A 224 -2.09 -7.59 -7.29
C LEU A 224 -3.03 -6.88 -8.26
N SER A 225 -3.27 -7.49 -9.42
CA SER A 225 -4.11 -6.87 -10.45
C SER A 225 -4.93 -7.95 -11.14
N ILE A 226 -6.23 -7.70 -11.29
CA ILE A 226 -7.13 -8.73 -11.80
C ILE A 226 -8.28 -8.07 -12.54
N LEU A 227 -8.84 -8.80 -13.51
CA LEU A 227 -9.97 -8.34 -14.31
C LEU A 227 -11.27 -8.66 -13.59
N HIS A 228 -11.98 -7.62 -13.18
CA HIS A 228 -13.29 -7.76 -12.54
C HIS A 228 -14.39 -7.56 -13.57
N ARG A 229 -15.36 -8.47 -13.59
CA ARG A 229 -16.47 -8.42 -14.52
C ARG A 229 -17.78 -8.21 -13.78
N ASP A 230 -18.74 -7.60 -14.47
CA ASP A 230 -20.05 -7.28 -13.90
C ASP A 230 -19.92 -6.39 -12.67
N VAL A 231 -19.04 -5.39 -12.77
CA VAL A 231 -18.78 -4.48 -11.65
C VAL A 231 -19.81 -3.36 -11.69
N GLN A 232 -20.44 -3.12 -10.54
CA GLN A 232 -21.42 -2.06 -10.42
C GLN A 232 -20.89 -0.83 -9.72
N GLU A 233 -19.85 -0.97 -8.90
CA GLU A 233 -19.35 0.15 -8.10
C GLU A 233 -18.01 -0.23 -7.49
N ILE A 234 -17.14 0.76 -7.36
CA ILE A 234 -15.87 0.64 -6.66
C ILE A 234 -15.80 1.79 -5.67
N ARG A 235 -15.72 1.47 -4.37
CA ARG A 235 -15.75 2.47 -3.32
C ARG A 235 -14.41 2.54 -2.59
N TYR A 236 -13.95 3.76 -2.39
CA TYR A 236 -12.67 4.05 -1.77
C TYR A 236 -12.89 4.89 -0.52
N GLU A 237 -12.21 4.51 0.56
CA GLU A 237 -12.34 5.19 1.84
CA GLU A 237 -12.25 5.30 1.78
C GLU A 237 -11.07 4.92 2.64
N VAL A 238 -10.68 5.86 3.50
CA VAL A 238 -9.57 5.60 4.40
C VAL A 238 -9.96 4.46 5.33
N SER A 239 -9.11 3.46 5.43
CA SER A 239 -9.45 2.31 6.26
C SER A 239 -9.41 2.71 7.73
N ALA A 240 -10.21 2.01 8.54
CA ALA A 240 -10.05 2.09 9.98
C ALA A 240 -8.85 1.30 10.48
N LYS A 241 -8.29 0.41 9.66
CA LYS A 241 -7.16 -0.41 10.05
C LYS A 241 -5.86 0.29 9.68
N LYS A 242 -4.80 -0.02 10.43
CA LYS A 242 -3.49 0.59 10.24
C LYS A 242 -2.41 -0.49 10.27
N ILE A 243 -1.37 -0.29 9.47
CA ILE A 243 -0.18 -1.14 9.51
C ILE A 243 0.75 -0.58 10.58
N HIS A 244 1.29 -1.46 11.40
CA HIS A 244 2.17 -1.07 12.50
C HIS A 244 3.61 -1.47 12.17
N PHE A 245 4.52 -0.50 12.27
CA PHE A 245 5.96 -0.73 12.11
C PHE A 245 6.64 -0.76 13.47
N ALA A 246 7.62 -1.64 13.62
CA ALA A 246 8.54 -1.53 14.74
C ALA A 246 9.59 -0.49 14.41
N ARG A 247 9.83 0.44 15.34
CA ARG A 247 10.82 1.48 15.10
C ARG A 247 11.87 1.44 16.19
N PHE A 248 13.13 1.57 15.79
CA PHE A 248 14.24 1.53 16.72
C PHE A 248 15.13 2.75 16.65
N ARG A 249 15.07 3.52 15.57
CA ARG A 249 15.81 4.75 15.42
C ARG A 249 14.89 5.76 14.74
N SER A 250 15.34 7.01 14.71
CA SER A 250 14.64 8.04 13.97
C SER A 250 15.15 8.00 12.54
N PHE A 251 14.25 7.69 11.61
CA PHE A 251 14.49 7.80 10.18
C PHE A 251 13.26 8.53 9.64
N PRO A 252 13.28 9.88 9.64
CA PRO A 252 12.09 10.65 9.26
C PRO A 252 11.69 10.42 7.81
N PHE A 253 10.37 10.47 7.59
CA PHE A 253 9.82 10.31 6.24
C PHE A 253 10.47 11.27 5.24
N TRP A 254 10.67 12.53 5.63
CA TRP A 254 11.17 13.48 4.64
C TRP A 254 12.64 13.24 4.33
N ARG A 255 13.40 12.68 5.28
CA ARG A 255 14.76 12.27 4.96
C ARG A 255 14.75 11.04 4.07
N ARG A 256 13.86 10.08 4.36
CA ARG A 256 13.70 8.96 3.46
C ARG A 256 13.32 9.41 2.04
N VAL A 257 12.45 10.43 1.91
CA VAL A 257 12.15 11.01 0.60
C VAL A 257 13.40 11.64 0.01
N HIS A 258 14.10 12.45 0.80
CA HIS A 258 15.37 13.03 0.37
C HIS A 258 16.33 11.96 -0.11
N ASP A 259 16.50 10.89 0.67
CA ASP A 259 17.50 9.90 0.32
C ASP A 259 17.11 9.14 -0.95
N SER A 260 15.82 8.99 -1.22
CA SER A 260 15.35 8.19 -2.35
C SER A 260 15.30 8.97 -3.65
N PHE A 261 15.02 10.28 -3.60
CA PHE A 261 14.82 11.08 -4.81
C PHE A 261 15.84 12.20 -5.02
N ILE A 262 16.43 12.76 -3.95
CA ILE A 262 17.35 13.89 -4.10
C ILE A 262 18.79 13.39 -4.18
N GLU A 263 19.25 12.70 -3.13
CA GLU A 263 20.65 12.27 -3.07
C GLU A 263 20.84 11.38 -1.85
N ASP A 264 21.82 10.49 -1.94
CA ASP A 264 22.16 9.65 -0.79
C ASP A 264 23.62 9.23 -0.82
C1 CIT B . 8.48 11.13 10.72
O1 CIT B . 8.60 11.07 9.48
O2 CIT B . 8.76 12.24 11.23
C2 CIT B . 8.03 9.97 11.59
C3 CIT B . 8.64 8.60 11.25
O7 CIT B . 10.09 8.67 11.21
C4 CIT B . 8.27 7.55 12.29
C5 CIT B . 9.27 7.56 13.45
O3 CIT B . 8.87 7.70 14.63
O4 CIT B . 10.49 7.41 13.26
C6 CIT B . 8.13 8.16 9.89
O5 CIT B . 6.91 7.98 9.71
O6 CIT B . 8.91 7.97 8.92
N1 KIO C . 5.07 4.35 -11.96
C7 KIO C . 4.33 -2.57 -7.12
C8 KIO C . 6.22 -3.09 -5.63
N2 KIO C . 5.24 3.31 -9.79
C9 KIO C . 6.59 -1.78 -5.07
O1 KIO C . 8.27 1.42 -6.97
C1 KIO C . 5.45 4.29 -10.67
O5 KIO C . 10.98 -0.08 -5.23
C5 KIO C . 4.28 0.84 -8.30
C6 KIO C . 4.24 -1.07 -7.00
N3 KIO C . 3.39 1.04 -11.83
C4 KIO C . 3.45 0.45 -10.67
O4 KIO C . 11.34 0.13 -7.82
C3 KIO C . 4.10 2.22 -11.64
O3 KIO C . 8.21 -4.67 -8.51
C2 KIO C . 4.56 2.30 -10.34
N4 KIO C . 4.13 1.16 -9.71
N KIO C . 3.97 3.41 -13.75
C KIO C . 4.38 3.32 -12.48
O KIO C . 4.84 -0.45 -8.16
C10 KIO C . 7.02 -0.75 -4.64
C11 KIO C . 7.21 0.55 -4.12
C12 KIO C . 7.02 2.35 -2.97
C13 KIO C . 6.67 3.41 -2.12
C14 KIO C . 8.27 4.68 -3.22
C15 KIO C . 8.03 2.59 -3.90
C16 KIO C . 9.03 1.26 -5.80
C17 KIO C . 9.12 0.99 -8.05
C18 KIO C . 8.25 0.67 -9.26
C19 KIO C . 8.46 -1.43 -10.50
C20 KIO C . 8.00 -2.88 -10.62
C21 KIO C . 7.14 -4.09 -8.70
C22 KIO C . 5.97 -4.23 -7.74
C23 KIO C . 9.99 -0.14 -7.49
C24 KIO C . 9.75 -0.07 -5.95
C25 KIO C . 2.80 -0.58 -7.02
C26 KIO C . 2.95 0.87 -7.52
N10 KIO C . 8.15 1.44 -4.65
N11 KIO C . 7.96 -0.74 -9.48
N12 KIO C . 6.94 -3.24 -9.71
N5 KIO C . 5.74 -3.00 -7.01
N6 KIO C . 6.52 1.06 -3.11
N7 KIO C . 5.72 3.33 -1.17
N8 KIO C . 7.32 4.59 -2.28
N9 KIO C . 8.69 3.75 -4.07
O2 KIO C . 9.25 -0.96 -11.30
O6 KIO C . 2.21 -0.61 -5.73
O7 KIO C . 3.00 1.81 -6.46
#